data_6YXD
#
_entry.id   6YXD
#
_cell.length_a   75.46
_cell.length_b   100.76
_cell.length_c   114.92
_cell.angle_alpha   90
_cell.angle_beta   90
_cell.angle_gamma   90
#
_symmetry.space_group_name_H-M   'P 21 2 21'
#
loop_
_entity.id
_entity.type
_entity.pdbx_description
1 polymer 'Adiponectin receptor protein 2'
2 polymer 'V REGION HEAVY CHAIN'
3 polymer 'V REGION LIGHT CHAIN'
4 non-polymer 'ZINC ION'
5 non-polymer '(2S)-2,3-dihydroxypropyl (9Z)-octadec-9-enoate'
6 non-polymer 'OLEIC ACID'
7 non-polymer GLYCEROL
8 water water
#
loop_
_entity_poly.entity_id
_entity_poly.type
_entity_poly.pdbx_seq_one_letter_code
_entity_poly.pdbx_strand_id
1 'polypeptide(L)'
;GGSEFEGRWRVIPHDVLPDWLKDNDFLLHGHRPPMPSFRACFKSIFRIHTETGNIWTHLLGCVFFLCLGIFYMFRPNISF
VAPLQEKVVFGLFFLGAILCLSFSWLFHTVYCHSEGVSRLFSKLDYSGIALLIMGSFVPWLYYSFYCNPQPCFIYLIVIC
VLGIAAIIVSQWDMFATPQYRGVRAGVFLGLGLSGIIPTLHYVISEGFLKAATIGQIGWLMLMASLYITGAALYAARIPE
RFFPGKCDIWFHSHQLFHIFVVAGAFVHFHGVSNLQEFRFMIGGGCSEEDAL
;
A
2 'polypeptide(L)'
;EVLLQQSGPELVKPGASVRITCKASGYTFTDFNMDWVKQSPGKSLEWIGDFNPNSGGSIYNQKFKDKATFTVDKSSSTAY
MELRSLTFEDTAVYYCARETGTAWFAYWGQGTLVTVSAA
;
H
3 'polypeptide(L)'
;DIQMTQSPASLSASVGETVTITCRASGNIHNFLAWYQQKQGKSPQVLVYNAKTLADGVPSRFSGSGSGTQYSLKINSLQP
EDFGSYYCQQFWSTPYTFGGGTKLEIN
;
L
#
# COMPACT_ATOMS: atom_id res chain seq x y z
N GLU A 4 14.09 8.93 11.09
CA GLU A 4 15.16 7.93 11.00
C GLU A 4 15.48 7.60 9.52
N PHE A 5 16.74 7.21 9.23
CA PHE A 5 17.15 6.87 7.86
C PHE A 5 16.94 5.39 7.48
N GLU A 6 15.95 4.74 8.09
CA GLU A 6 15.58 3.36 7.77
C GLU A 6 14.28 3.39 7.01
N GLY A 7 14.09 2.42 6.11
CA GLY A 7 12.86 2.29 5.32
C GLY A 7 12.31 3.58 4.76
N ARG A 8 13.16 4.34 4.08
CA ARG A 8 12.75 5.61 3.52
C ARG A 8 12.17 5.47 2.13
N TRP A 9 11.13 6.25 1.84
CA TRP A 9 10.43 6.21 0.56
C TRP A 9 9.83 7.58 0.24
N ARG A 10 9.45 7.78 -1.03
CA ARG A 10 8.76 9.00 -1.45
C ARG A 10 7.48 8.64 -2.18
N VAL A 11 6.49 9.56 -2.21
CA VAL A 11 5.25 9.30 -2.93
C VAL A 11 5.53 9.28 -4.45
N ILE A 12 4.90 8.36 -5.17
CA ILE A 12 5.09 8.24 -6.61
C ILE A 12 3.79 8.51 -7.39
N PRO A 13 3.88 8.93 -8.67
CA PRO A 13 2.67 9.11 -9.47
C PRO A 13 2.01 7.77 -9.84
N HIS A 14 0.74 7.81 -10.20
CA HIS A 14 -0.06 6.64 -10.55
C HIS A 14 0.54 5.77 -11.65
N ASP A 15 0.94 6.39 -12.79
CA ASP A 15 1.48 5.67 -13.95
C ASP A 15 2.67 4.74 -13.64
N VAL A 16 3.47 5.03 -12.59
CA VAL A 16 4.62 4.18 -12.27
C VAL A 16 4.31 3.09 -11.22
N LEU A 17 3.05 2.97 -10.77
CA LEU A 17 2.66 1.93 -9.83
C LEU A 17 2.59 0.56 -10.54
N PRO A 18 2.75 -0.56 -9.80
CA PRO A 18 2.51 -1.87 -10.44
C PRO A 18 1.00 -2.09 -10.62
N ASP A 19 0.61 -2.97 -11.56
CA ASP A 19 -0.79 -3.22 -11.87
C ASP A 19 -1.67 -3.65 -10.70
N TRP A 20 -1.14 -4.41 -9.73
CA TRP A 20 -1.92 -4.79 -8.55
C TRP A 20 -2.19 -3.59 -7.61
N LEU A 21 -1.40 -2.52 -7.72
CA LEU A 21 -1.61 -1.32 -6.90
C LEU A 21 -2.50 -0.28 -7.59
N LYS A 22 -2.53 -0.29 -8.93
CA LYS A 22 -3.34 0.65 -9.72
C LYS A 22 -4.80 0.38 -9.43
N ASP A 23 -5.52 1.36 -8.88
CA ASP A 23 -6.93 1.16 -8.60
C ASP A 23 -7.79 2.35 -9.12
N ASN A 24 -7.61 3.55 -8.56
CA ASN A 24 -8.35 4.73 -8.96
C ASN A 24 -7.41 5.59 -9.80
N ASP A 25 -7.64 5.64 -11.11
CA ASP A 25 -6.79 6.44 -12.00
C ASP A 25 -7.00 7.95 -11.84
N PHE A 26 -8.04 8.38 -11.11
CA PHE A 26 -8.27 9.81 -10.90
C PHE A 26 -7.40 10.40 -9.77
N LEU A 27 -6.78 9.54 -8.94
CA LEU A 27 -5.84 9.90 -7.88
C LEU A 27 -4.50 9.84 -8.58
N LEU A 28 -4.06 10.95 -9.15
CA LEU A 28 -2.86 11.01 -9.99
C LEU A 28 -1.50 10.89 -9.27
N HIS A 29 -1.33 11.48 -8.07
CA HIS A 29 -0.06 11.46 -7.36
C HIS A 29 -0.26 11.14 -5.85
N GLY A 30 0.83 11.04 -5.10
CA GLY A 30 0.77 10.78 -3.67
C GLY A 30 0.63 9.32 -3.32
N HIS A 31 1.08 8.42 -4.20
CA HIS A 31 0.96 6.98 -3.94
C HIS A 31 2.14 6.38 -3.22
N ARG A 32 1.90 5.48 -2.26
CA ARG A 32 3.00 4.80 -1.59
C ARG A 32 3.56 3.78 -2.58
N PRO A 33 4.90 3.68 -2.66
CA PRO A 33 5.49 2.66 -3.54
C PRO A 33 5.35 1.26 -2.92
N PRO A 34 5.50 0.18 -3.72
CA PRO A 34 5.45 -1.18 -3.14
C PRO A 34 6.58 -1.36 -2.14
N MET A 35 6.23 -1.55 -0.87
CA MET A 35 7.20 -1.73 0.19
C MET A 35 6.91 -3.05 0.90
N PRO A 36 7.74 -4.07 0.64
CA PRO A 36 7.51 -5.39 1.28
C PRO A 36 8.05 -5.48 2.71
N SER A 37 7.66 -4.55 3.58
CA SER A 37 8.02 -4.52 4.98
C SER A 37 6.87 -3.96 5.79
N PHE A 38 6.26 -4.78 6.65
CA PHE A 38 5.19 -4.32 7.53
C PHE A 38 5.64 -3.18 8.44
N ARG A 39 6.94 -3.13 8.79
CA ARG A 39 7.56 -2.07 9.57
C ARG A 39 7.36 -0.73 8.82
N ALA A 40 7.77 -0.68 7.54
CA ALA A 40 7.60 0.50 6.71
C ALA A 40 6.12 0.83 6.47
N CYS A 41 5.25 -0.20 6.33
CA CYS A 41 3.80 -0.08 6.13
C CYS A 41 3.09 0.55 7.32
N PHE A 42 3.30 0.03 8.54
CA PHE A 42 2.70 0.63 9.72
C PHE A 42 3.31 1.99 9.98
N LYS A 43 4.62 2.15 9.73
CA LYS A 43 5.28 3.44 9.90
C LYS A 43 4.66 4.51 8.98
N SER A 44 4.20 4.10 7.78
CA SER A 44 3.61 4.99 6.79
C SER A 44 2.31 5.63 7.26
N ILE A 45 1.66 5.13 8.32
CA ILE A 45 0.42 5.69 8.89
C ILE A 45 0.62 7.18 9.21
N PHE A 46 1.79 7.53 9.75
CA PHE A 46 2.15 8.91 10.14
C PHE A 46 2.62 9.80 8.98
N ARG A 47 2.56 9.30 7.74
CA ARG A 47 2.99 10.04 6.57
C ARG A 47 1.82 10.47 5.68
N ILE A 48 2.03 11.46 4.81
CA ILE A 48 0.98 11.96 3.93
C ILE A 48 1.00 11.25 2.59
N HIS A 49 -0.08 10.57 2.27
CA HIS A 49 -0.27 9.81 1.04
C HIS A 49 -1.78 9.57 0.82
N THR A 50 -2.14 9.02 -0.35
CA THR A 50 -3.53 8.72 -0.73
C THR A 50 -4.31 7.99 0.38
N GLU A 51 -3.64 7.02 1.03
CA GLU A 51 -4.30 6.21 2.04
C GLU A 51 -4.41 6.83 3.44
N THR A 52 -3.68 7.92 3.77
CA THR A 52 -3.73 8.49 5.14
C THR A 52 -5.17 8.68 5.68
N GLY A 53 -6.02 9.37 4.91
CA GLY A 53 -7.40 9.58 5.30
C GLY A 53 -8.16 8.28 5.50
N ASN A 54 -8.07 7.33 4.54
CA ASN A 54 -8.75 6.03 4.63
C ASN A 54 -8.41 5.31 5.91
N ILE A 55 -7.12 5.35 6.26
CA ILE A 55 -6.57 4.70 7.44
C ILE A 55 -7.10 5.28 8.74
N TRP A 56 -6.95 6.60 8.97
CA TRP A 56 -7.35 7.21 10.23
C TRP A 56 -8.85 7.26 10.47
N THR A 57 -9.66 7.42 9.41
CA THR A 57 -11.10 7.43 9.58
C THR A 57 -11.61 6.10 10.16
N HIS A 58 -10.95 4.98 9.81
CA HIS A 58 -11.35 3.67 10.28
C HIS A 58 -10.48 3.16 11.45
N LEU A 59 -9.29 3.74 11.66
CA LEU A 59 -8.45 3.43 12.81
C LEU A 59 -9.12 4.11 14.01
N LEU A 60 -9.50 5.40 13.87
CA LEU A 60 -10.18 6.17 14.91
C LEU A 60 -11.58 5.62 15.12
N GLY A 61 -12.29 5.33 14.04
CA GLY A 61 -13.62 4.76 14.08
C GLY A 61 -13.66 3.45 14.84
N CYS A 62 -12.61 2.63 14.63
CA CYS A 62 -12.44 1.36 15.32
C CYS A 62 -12.39 1.55 16.84
N VAL A 63 -11.54 2.48 17.33
CA VAL A 63 -11.41 2.72 18.77
C VAL A 63 -12.64 3.47 19.33
N PHE A 64 -13.37 4.25 18.49
CA PHE A 64 -14.57 4.91 18.96
C PHE A 64 -15.63 3.86 19.26
N PHE A 65 -15.80 2.90 18.35
CA PHE A 65 -16.74 1.80 18.52
C PHE A 65 -16.29 0.79 19.56
N LEU A 66 -14.97 0.66 19.79
CA LEU A 66 -14.47 -0.23 20.82
C LEU A 66 -14.87 0.33 22.19
N CYS A 67 -14.73 1.65 22.38
CA CYS A 67 -15.09 2.31 23.62
C CYS A 67 -16.59 2.27 23.80
N LEU A 68 -17.35 2.58 22.75
CA LEU A 68 -18.81 2.54 22.82
C LEU A 68 -19.31 1.13 23.18
N GLY A 69 -18.67 0.13 22.60
CA GLY A 69 -18.99 -1.27 22.86
C GLY A 69 -18.76 -1.67 24.30
N ILE A 70 -17.59 -1.33 24.87
CA ILE A 70 -17.25 -1.64 26.26
C ILE A 70 -18.21 -0.89 27.18
N PHE A 71 -18.40 0.41 26.95
CA PHE A 71 -19.27 1.23 27.77
C PHE A 71 -20.70 0.70 27.82
N TYR A 72 -21.18 0.13 26.71
CA TYR A 72 -22.52 -0.45 26.64
C TYR A 72 -22.63 -1.74 27.47
N MET A 73 -21.59 -2.59 27.50
CA MET A 73 -21.65 -3.84 28.28
C MET A 73 -21.69 -3.61 29.78
N PHE A 74 -21.16 -2.47 30.24
CA PHE A 74 -21.17 -2.13 31.66
C PHE A 74 -22.35 -1.24 32.06
N ARG A 75 -23.39 -1.18 31.21
CA ARG A 75 -24.59 -0.42 31.54
C ARG A 75 -25.32 -1.18 32.63
N PRO A 76 -25.89 -0.47 33.62
CA PRO A 76 -26.61 -1.16 34.68
C PRO A 76 -27.74 -2.04 34.13
N ASN A 77 -27.80 -3.29 34.59
CA ASN A 77 -28.78 -4.26 34.12
C ASN A 77 -30.25 -3.87 34.45
N ILE A 78 -30.44 -2.77 35.20
CA ILE A 78 -31.75 -2.21 35.55
C ILE A 78 -32.45 -1.72 34.28
N SER A 79 -31.69 -1.02 33.42
CA SER A 79 -32.18 -0.41 32.18
C SER A 79 -32.57 -1.37 31.06
N PHE A 80 -32.53 -2.68 31.31
CA PHE A 80 -32.91 -3.66 30.28
C PHE A 80 -34.07 -4.52 30.75
N VAL A 81 -34.85 -5.06 29.80
CA VAL A 81 -35.96 -5.96 30.12
C VAL A 81 -35.34 -7.35 30.31
N ALA A 82 -34.53 -7.79 29.32
CA ALA A 82 -33.77 -9.03 29.33
C ALA A 82 -32.33 -8.56 29.14
N PRO A 83 -31.63 -8.25 30.24
CA PRO A 83 -30.28 -7.69 30.10
C PRO A 83 -29.24 -8.61 29.47
N LEU A 84 -29.40 -9.93 29.59
CA LEU A 84 -28.41 -10.86 29.02
C LEU A 84 -28.54 -10.98 27.51
N GLN A 85 -29.74 -11.28 27.00
CA GLN A 85 -29.89 -11.42 25.55
C GLN A 85 -29.90 -10.05 24.86
N GLU A 86 -30.37 -8.98 25.54
CA GLU A 86 -30.32 -7.63 24.95
C GLU A 86 -28.87 -7.12 24.82
N LYS A 87 -27.98 -7.54 25.73
CA LYS A 87 -26.56 -7.18 25.61
C LYS A 87 -25.88 -8.02 24.54
N VAL A 88 -26.35 -9.25 24.30
CA VAL A 88 -25.86 -10.18 23.28
C VAL A 88 -26.18 -9.65 21.86
N VAL A 89 -27.40 -9.09 21.64
CA VAL A 89 -27.76 -8.52 20.34
C VAL A 89 -27.02 -7.23 20.07
N PHE A 90 -26.80 -6.42 21.11
CA PHE A 90 -26.01 -5.21 20.96
C PHE A 90 -24.54 -5.56 20.74
N GLY A 91 -24.07 -6.58 21.43
CA GLY A 91 -22.72 -7.11 21.32
C GLY A 91 -22.44 -7.60 19.92
N LEU A 92 -23.41 -8.28 19.27
CA LEU A 92 -23.20 -8.74 17.90
C LEU A 92 -23.08 -7.61 16.90
N PHE A 93 -23.79 -6.50 17.15
CA PHE A 93 -23.70 -5.32 16.27
C PHE A 93 -22.30 -4.70 16.46
N PHE A 94 -21.92 -4.38 17.72
CA PHE A 94 -20.61 -3.82 18.04
C PHE A 94 -19.47 -4.72 17.55
N LEU A 95 -19.67 -6.04 17.54
CA LEU A 95 -18.66 -6.98 17.10
C LEU A 95 -18.44 -6.84 15.63
N GLY A 96 -19.53 -6.83 14.86
CA GLY A 96 -19.46 -6.67 13.41
C GLY A 96 -18.90 -5.32 13.02
N ALA A 97 -19.22 -4.29 13.81
CA ALA A 97 -18.77 -2.92 13.61
C ALA A 97 -17.27 -2.81 13.88
N ILE A 98 -16.78 -3.44 14.94
CA ILE A 98 -15.35 -3.40 15.24
C ILE A 98 -14.53 -4.20 14.22
N LEU A 99 -14.99 -5.42 13.86
CA LEU A 99 -14.29 -6.24 12.87
C LEU A 99 -14.18 -5.53 11.53
N CYS A 100 -15.27 -4.89 11.08
CA CYS A 100 -15.32 -4.15 9.82
C CYS A 100 -14.25 -3.06 9.80
N LEU A 101 -14.21 -2.22 10.84
CA LEU A 101 -13.24 -1.14 10.88
C LEU A 101 -11.81 -1.64 11.02
N SER A 102 -11.59 -2.67 11.84
CA SER A 102 -10.26 -3.27 12.04
C SER A 102 -9.70 -3.79 10.72
N PHE A 103 -10.48 -4.60 9.99
CA PHE A 103 -10.05 -5.16 8.72
C PHE A 103 -9.80 -4.04 7.69
N SER A 104 -10.59 -2.97 7.75
CA SER A 104 -10.44 -1.85 6.84
C SER A 104 -9.15 -1.07 7.06
N TRP A 105 -8.89 -0.57 8.29
CA TRP A 105 -7.67 0.21 8.53
C TRP A 105 -6.43 -0.66 8.37
N LEU A 106 -6.52 -1.98 8.67
CA LEU A 106 -5.41 -2.88 8.50
C LEU A 106 -5.15 -3.09 7.03
N PHE A 107 -6.19 -3.33 6.23
CA PHE A 107 -6.02 -3.47 4.78
C PHE A 107 -5.43 -2.21 4.16
N HIS A 108 -6.01 -1.05 4.45
CA HIS A 108 -5.51 0.20 3.89
C HIS A 108 -4.07 0.50 4.28
N THR A 109 -3.60 -0.05 5.43
CA THR A 109 -2.23 0.14 5.89
C THR A 109 -1.27 -0.78 5.16
N VAL A 110 -1.54 -2.10 5.17
CA VAL A 110 -0.65 -3.08 4.54
C VAL A 110 -0.85 -3.26 3.04
N TYR A 111 -1.79 -2.55 2.45
CA TYR A 111 -2.18 -2.57 1.03
C TYR A 111 -0.96 -2.65 0.08
N CYS A 112 0.03 -1.77 0.28
CA CYS A 112 1.22 -1.68 -0.57
C CYS A 112 2.36 -2.63 -0.17
N HIS A 113 2.10 -3.73 0.55
CA HIS A 113 3.19 -4.64 0.95
C HIS A 113 3.59 -5.59 -0.17
N SER A 114 2.68 -6.43 -0.61
CA SER A 114 2.92 -7.38 -1.69
C SER A 114 1.64 -7.52 -2.51
N GLU A 115 1.73 -8.15 -3.69
CA GLU A 115 0.55 -8.47 -4.47
C GLU A 115 -0.31 -9.50 -3.70
N GLY A 116 0.36 -10.46 -3.03
CA GLY A 116 -0.29 -11.48 -2.24
C GLY A 116 -0.83 -11.00 -0.91
N VAL A 117 -0.16 -10.03 -0.29
CA VAL A 117 -0.61 -9.49 0.99
C VAL A 117 -1.90 -8.70 0.74
N SER A 118 -1.93 -7.90 -0.34
CA SER A 118 -3.10 -7.11 -0.70
C SER A 118 -4.27 -8.01 -1.11
N ARG A 119 -4.01 -9.15 -1.74
CA ARG A 119 -5.08 -10.09 -2.08
C ARG A 119 -5.73 -10.65 -0.82
N LEU A 120 -4.92 -10.98 0.22
CA LEU A 120 -5.42 -11.52 1.48
C LEU A 120 -6.22 -10.47 2.25
N PHE A 121 -5.67 -9.27 2.45
CA PHE A 121 -6.36 -8.24 3.22
C PHE A 121 -7.55 -7.61 2.50
N SER A 122 -7.55 -7.61 1.16
CA SER A 122 -8.70 -7.07 0.42
C SER A 122 -9.91 -7.95 0.64
N LYS A 123 -9.70 -9.28 0.71
CA LYS A 123 -10.77 -10.23 1.00
C LYS A 123 -11.34 -10.00 2.41
N LEU A 124 -10.47 -9.68 3.38
CA LEU A 124 -10.89 -9.35 4.74
C LEU A 124 -11.66 -8.01 4.77
N ASP A 125 -11.26 -7.03 3.91
CA ASP A 125 -11.89 -5.70 3.82
C ASP A 125 -13.33 -5.86 3.37
N TYR A 126 -13.56 -6.69 2.33
CA TYR A 126 -14.92 -6.93 1.81
C TYR A 126 -15.72 -7.74 2.80
N SER A 127 -15.09 -8.72 3.46
CA SER A 127 -15.76 -9.55 4.44
C SER A 127 -16.25 -8.71 5.61
N GLY A 128 -15.44 -7.75 6.04
CA GLY A 128 -15.80 -6.84 7.12
C GLY A 128 -17.09 -6.08 6.86
N ILE A 129 -17.29 -5.58 5.64
CA ILE A 129 -18.50 -4.85 5.27
C ILE A 129 -19.75 -5.73 5.46
N ALA A 130 -19.69 -6.97 4.97
CA ALA A 130 -20.80 -7.92 5.11
C ALA A 130 -21.12 -8.18 6.60
N LEU A 131 -20.07 -8.27 7.45
CA LEU A 131 -20.22 -8.48 8.89
C LEU A 131 -20.88 -7.28 9.56
N LEU A 132 -20.55 -6.07 9.11
CA LEU A 132 -21.16 -4.85 9.65
C LEU A 132 -22.66 -4.87 9.34
N ILE A 133 -23.03 -5.26 8.11
CA ILE A 133 -24.41 -5.34 7.67
C ILE A 133 -25.20 -6.44 8.41
N MET A 134 -24.68 -7.67 8.48
CA MET A 134 -25.40 -8.75 9.18
C MET A 134 -25.60 -8.43 10.65
N GLY A 135 -24.51 -8.05 11.32
CA GLY A 135 -24.54 -7.71 12.73
C GLY A 135 -25.49 -6.59 13.07
N SER A 136 -25.58 -5.57 12.20
CA SER A 136 -26.47 -4.45 12.42
C SER A 136 -27.94 -4.86 12.38
N PHE A 137 -28.29 -5.90 11.59
CA PHE A 137 -29.66 -6.38 11.50
C PHE A 137 -30.11 -7.02 12.79
N VAL A 138 -29.23 -7.83 13.40
CA VAL A 138 -29.51 -8.57 14.63
C VAL A 138 -30.30 -7.76 15.70
N PRO A 139 -29.78 -6.63 16.26
CA PRO A 139 -30.57 -5.89 17.26
C PRO A 139 -31.85 -5.29 16.69
N TRP A 140 -31.81 -4.87 15.42
CA TRP A 140 -32.98 -4.26 14.77
C TRP A 140 -34.16 -5.22 14.63
N LEU A 141 -33.92 -6.46 14.19
CA LEU A 141 -34.99 -7.45 14.06
C LEU A 141 -35.50 -7.85 15.44
N TYR A 142 -34.58 -7.97 16.42
CA TYR A 142 -34.92 -8.34 17.78
C TYR A 142 -35.91 -7.35 18.39
N TYR A 143 -35.75 -6.05 18.09
CA TYR A 143 -36.68 -5.05 18.62
C TYR A 143 -37.93 -4.90 17.79
N SER A 144 -37.83 -4.84 16.45
CA SER A 144 -39.01 -4.67 15.61
C SER A 144 -39.98 -5.85 15.76
N PHE A 145 -39.48 -7.07 15.62
CA PHE A 145 -40.30 -8.27 15.73
C PHE A 145 -40.14 -8.86 17.14
N TYR A 146 -40.46 -8.06 18.15
CA TYR A 146 -40.31 -8.46 19.54
C TYR A 146 -41.41 -9.44 19.92
N CYS A 147 -42.68 -9.02 19.80
CA CYS A 147 -43.81 -9.91 20.10
C CYS A 147 -44.31 -10.68 18.87
N ASN A 148 -43.40 -10.92 17.91
CA ASN A 148 -43.61 -11.66 16.67
C ASN A 148 -42.28 -12.40 16.51
N PRO A 149 -42.06 -13.47 17.28
CA PRO A 149 -40.75 -14.15 17.23
C PRO A 149 -40.53 -14.95 15.95
N GLN A 150 -41.55 -15.68 15.49
CA GLN A 150 -41.44 -16.49 14.29
C GLN A 150 -40.91 -15.72 13.06
N PRO A 151 -41.44 -14.54 12.68
CA PRO A 151 -40.87 -13.84 11.52
C PRO A 151 -39.48 -13.27 11.76
N CYS A 152 -39.20 -12.86 13.02
CA CYS A 152 -37.90 -12.33 13.45
C CYS A 152 -36.79 -13.32 13.17
N PHE A 153 -36.99 -14.57 13.57
CA PHE A 153 -35.98 -15.59 13.38
C PHE A 153 -35.82 -15.95 11.90
N ILE A 154 -36.90 -15.92 11.12
CA ILE A 154 -36.84 -16.21 9.67
C ILE A 154 -35.95 -15.19 8.94
N TYR A 155 -36.14 -13.90 9.23
CA TYR A 155 -35.34 -12.84 8.61
C TYR A 155 -33.88 -12.92 8.99
N LEU A 156 -33.58 -13.42 10.20
CA LEU A 156 -32.21 -13.62 10.66
C LEU A 156 -31.53 -14.72 9.86
N ILE A 157 -32.28 -15.75 9.45
CA ILE A 157 -31.74 -16.83 8.61
C ILE A 157 -31.46 -16.26 7.23
N VAL A 158 -32.40 -15.48 6.67
CA VAL A 158 -32.29 -14.83 5.36
C VAL A 158 -31.05 -13.93 5.24
N ILE A 159 -30.91 -12.95 6.16
CA ILE A 159 -29.74 -12.07 6.12
C ILE A 159 -28.43 -12.85 6.31
N CYS A 160 -28.47 -13.96 7.07
CA CYS A 160 -27.28 -14.79 7.27
C CYS A 160 -26.88 -15.47 5.99
N VAL A 161 -27.86 -16.07 5.29
CA VAL A 161 -27.57 -16.77 4.05
C VAL A 161 -27.08 -15.80 2.95
N LEU A 162 -27.65 -14.59 2.91
CA LEU A 162 -27.23 -13.57 1.95
C LEU A 162 -25.85 -13.00 2.31
N GLY A 163 -25.62 -12.81 3.60
CA GLY A 163 -24.37 -12.30 4.13
C GLY A 163 -23.22 -13.26 3.89
N ILE A 164 -23.48 -14.56 4.07
CA ILE A 164 -22.46 -15.58 3.81
C ILE A 164 -22.23 -15.73 2.30
N ALA A 165 -23.27 -15.56 1.47
CA ALA A 165 -23.10 -15.58 0.02
C ALA A 165 -22.22 -14.39 -0.39
N ALA A 166 -22.40 -13.21 0.25
CA ALA A 166 -21.58 -12.03 -0.03
C ALA A 166 -20.12 -12.27 0.35
N ILE A 167 -19.89 -12.93 1.50
CA ILE A 167 -18.55 -13.24 1.94
C ILE A 167 -17.89 -14.23 0.97
N ILE A 168 -18.64 -15.23 0.51
CA ILE A 168 -18.11 -16.23 -0.43
C ILE A 168 -17.81 -15.62 -1.80
N VAL A 169 -18.62 -14.63 -2.23
CA VAL A 169 -18.37 -13.99 -3.52
C VAL A 169 -17.20 -13.02 -3.45
N SER A 170 -16.99 -12.37 -2.30
CA SER A 170 -15.88 -11.43 -2.16
C SER A 170 -14.51 -12.14 -2.13
N GLN A 171 -14.48 -13.47 -1.93
CA GLN A 171 -13.24 -14.26 -1.97
C GLN A 171 -12.76 -14.52 -3.42
N TRP A 172 -13.50 -14.04 -4.45
CA TRP A 172 -13.18 -14.19 -5.86
C TRP A 172 -12.17 -13.11 -6.26
N ASP A 173 -11.19 -13.49 -7.10
CA ASP A 173 -10.14 -12.58 -7.56
C ASP A 173 -10.68 -11.49 -8.47
N MET A 174 -11.62 -11.82 -9.36
CA MET A 174 -12.20 -10.82 -10.26
C MET A 174 -12.99 -9.74 -9.52
N PHE A 175 -13.48 -10.04 -8.31
CA PHE A 175 -14.22 -9.09 -7.50
C PHE A 175 -13.34 -7.89 -7.13
N ALA A 176 -12.04 -8.12 -6.87
CA ALA A 176 -11.10 -7.06 -6.49
C ALA A 176 -10.68 -6.12 -7.61
N THR A 177 -10.85 -6.57 -8.88
CA THR A 177 -10.48 -5.79 -10.07
C THR A 177 -11.28 -4.48 -10.14
N PRO A 178 -10.65 -3.38 -10.59
CA PRO A 178 -11.35 -2.07 -10.64
C PRO A 178 -12.55 -2.01 -11.59
N GLN A 179 -12.65 -2.96 -12.51
CA GLN A 179 -13.77 -3.08 -13.42
C GLN A 179 -15.05 -3.52 -12.65
N TYR A 180 -14.87 -4.20 -11.50
CA TYR A 180 -15.97 -4.64 -10.66
C TYR A 180 -16.28 -3.67 -9.53
N ARG A 181 -15.93 -2.38 -9.68
CA ARG A 181 -16.21 -1.37 -8.66
C ARG A 181 -17.71 -1.21 -8.41
N GLY A 182 -18.47 -1.21 -9.49
CA GLY A 182 -19.92 -1.10 -9.45
C GLY A 182 -20.57 -2.39 -8.98
N VAL A 183 -19.96 -3.55 -9.34
CA VAL A 183 -20.45 -4.86 -8.91
C VAL A 183 -20.35 -4.93 -7.39
N ARG A 184 -19.17 -4.56 -6.84
CA ARG A 184 -18.91 -4.53 -5.40
C ARG A 184 -19.94 -3.67 -4.68
N ALA A 185 -20.15 -2.44 -5.17
CA ALA A 185 -21.12 -1.50 -4.60
C ALA A 185 -22.52 -2.09 -4.65
N GLY A 186 -22.87 -2.76 -5.75
CA GLY A 186 -24.18 -3.38 -5.91
C GLY A 186 -24.40 -4.58 -5.01
N VAL A 187 -23.38 -5.41 -4.81
CA VAL A 187 -23.49 -6.59 -3.96
C VAL A 187 -23.78 -6.18 -2.53
N PHE A 188 -22.99 -5.27 -1.99
CA PHE A 188 -23.20 -4.79 -0.64
C PHE A 188 -24.45 -3.92 -0.52
N LEU A 189 -24.73 -3.07 -1.52
CA LEU A 189 -25.91 -2.20 -1.53
C LEU A 189 -27.19 -3.03 -1.47
N GLY A 190 -27.24 -4.11 -2.24
CA GLY A 190 -28.39 -5.00 -2.29
C GLY A 190 -28.58 -5.74 -0.98
N LEU A 191 -27.48 -6.16 -0.37
CA LEU A 191 -27.47 -6.85 0.90
C LEU A 191 -28.05 -5.95 1.98
N GLY A 192 -27.64 -4.69 2.00
CA GLY A 192 -28.13 -3.73 2.97
C GLY A 192 -29.59 -3.37 2.72
N LEU A 193 -29.93 -3.10 1.44
CA LEU A 193 -31.29 -2.77 1.05
C LEU A 193 -32.27 -3.94 1.19
N SER A 194 -31.77 -5.18 1.41
CA SER A 194 -32.67 -6.32 1.63
C SER A 194 -33.55 -6.14 2.90
N GLY A 195 -33.25 -5.12 3.72
CA GLY A 195 -34.04 -4.76 4.88
C GLY A 195 -35.43 -4.28 4.50
N ILE A 196 -35.69 -4.00 3.20
CA ILE A 196 -36.99 -3.60 2.68
C ILE A 196 -38.03 -4.68 2.97
N ILE A 197 -37.63 -5.96 2.90
CA ILE A 197 -38.51 -7.09 3.17
C ILE A 197 -39.04 -7.04 4.61
N PRO A 198 -38.18 -7.13 5.66
CA PRO A 198 -38.72 -7.03 7.03
C PRO A 198 -39.38 -5.69 7.34
N THR A 199 -38.93 -4.59 6.71
CA THR A 199 -39.53 -3.28 6.92
C THR A 199 -40.98 -3.29 6.44
N LEU A 200 -41.22 -3.87 5.26
CA LEU A 200 -42.56 -3.98 4.71
C LEU A 200 -43.42 -4.86 5.58
N HIS A 201 -42.88 -5.97 6.09
CA HIS A 201 -43.60 -6.87 6.99
C HIS A 201 -44.01 -6.12 8.27
N TYR A 202 -43.09 -5.32 8.82
CA TYR A 202 -43.28 -4.52 10.02
C TYR A 202 -44.41 -3.51 9.83
N VAL A 203 -44.45 -2.86 8.67
CA VAL A 203 -45.46 -1.85 8.40
C VAL A 203 -46.81 -2.51 8.02
N ILE A 204 -46.80 -3.73 7.46
CA ILE A 204 -48.06 -4.41 7.11
C ILE A 204 -48.59 -5.29 8.29
N SER A 205 -47.93 -5.24 9.46
CA SER A 205 -48.39 -5.95 10.65
C SER A 205 -48.71 -4.93 11.75
N GLU A 206 -47.76 -4.01 12.03
CA GLU A 206 -47.96 -3.00 13.05
C GLU A 206 -48.67 -1.72 12.55
N GLY A 207 -48.76 -1.53 11.24
CA GLY A 207 -49.45 -0.37 10.68
C GLY A 207 -48.58 0.80 10.29
N PHE A 208 -49.15 1.76 9.53
CA PHE A 208 -48.41 2.95 9.11
C PHE A 208 -48.31 3.96 10.25
N LEU A 209 -49.34 4.01 11.14
CA LEU A 209 -49.34 4.90 12.30
C LEU A 209 -48.23 4.50 13.27
N LYS A 210 -48.21 3.23 13.74
CA LYS A 210 -47.22 2.81 14.72
C LYS A 210 -45.78 2.85 14.20
N ALA A 211 -45.55 2.58 12.89
CA ALA A 211 -44.19 2.61 12.36
C ALA A 211 -43.65 4.02 12.24
N ALA A 212 -44.53 4.99 11.92
CA ALA A 212 -44.13 6.39 11.83
C ALA A 212 -44.02 7.05 13.20
N THR A 213 -44.98 6.81 14.11
CA THR A 213 -44.95 7.40 15.46
C THR A 213 -43.70 7.04 16.22
N ILE A 214 -43.26 5.77 16.15
CA ILE A 214 -42.05 5.37 16.86
C ILE A 214 -40.74 5.88 16.17
N GLY A 215 -40.86 6.49 14.99
CA GLY A 215 -39.73 7.03 14.25
C GLY A 215 -39.05 6.08 13.29
N GLN A 216 -39.37 4.78 13.38
CA GLN A 216 -38.77 3.75 12.55
C GLN A 216 -38.78 4.07 11.05
N ILE A 217 -39.89 4.58 10.50
CA ILE A 217 -39.95 4.93 9.08
C ILE A 217 -38.93 6.03 8.71
N GLY A 218 -38.95 7.14 9.43
CA GLY A 218 -38.05 8.25 9.18
C GLY A 218 -36.60 7.86 9.31
N TRP A 219 -36.31 7.02 10.30
CA TRP A 219 -34.97 6.50 10.55
C TRP A 219 -34.52 5.56 9.42
N LEU A 220 -35.39 4.63 8.98
CA LEU A 220 -35.08 3.71 7.89
C LEU A 220 -34.89 4.43 6.54
N MET A 221 -35.44 5.63 6.38
CA MET A 221 -35.27 6.41 5.16
C MET A 221 -33.88 7.05 5.16
N LEU A 222 -33.43 7.54 6.34
CA LEU A 222 -32.10 8.14 6.47
C LEU A 222 -31.02 7.08 6.23
N MET A 223 -31.24 5.85 6.73
CA MET A 223 -30.30 4.75 6.52
C MET A 223 -30.22 4.44 5.04
N ALA A 224 -31.37 4.30 4.36
CA ALA A 224 -31.44 4.04 2.93
C ALA A 224 -30.68 5.08 2.12
N SER A 225 -30.78 6.35 2.53
CA SER A 225 -30.08 7.45 1.87
C SER A 225 -28.59 7.28 2.01
N LEU A 226 -28.12 6.89 3.20
CA LEU A 226 -26.69 6.70 3.40
C LEU A 226 -26.16 5.54 2.57
N TYR A 227 -26.96 4.49 2.41
CA TYR A 227 -26.57 3.34 1.61
C TYR A 227 -26.47 3.75 0.15
N ILE A 228 -27.49 4.47 -0.37
CA ILE A 228 -27.48 4.92 -1.75
C ILE A 228 -26.35 5.90 -2.00
N THR A 229 -26.21 6.93 -1.17
CA THR A 229 -25.19 7.97 -1.35
C THR A 229 -23.77 7.44 -1.19
N GLY A 230 -23.60 6.46 -0.31
CA GLY A 230 -22.29 5.85 -0.09
C GLY A 230 -21.88 4.98 -1.25
N ALA A 231 -22.85 4.22 -1.80
CA ALA A 231 -22.56 3.35 -2.93
C ALA A 231 -22.38 4.20 -4.16
N ALA A 232 -23.24 5.20 -4.38
CA ALA A 232 -23.14 6.12 -5.52
C ALA A 232 -21.77 6.80 -5.58
N LEU A 233 -21.28 7.31 -4.42
CA LEU A 233 -19.98 7.95 -4.36
C LEU A 233 -18.87 6.97 -4.68
N TYR A 234 -18.82 5.81 -3.99
CA TYR A 234 -17.78 4.82 -4.19
C TYR A 234 -17.72 4.33 -5.64
N ALA A 235 -18.87 3.94 -6.20
CA ALA A 235 -18.95 3.41 -7.55
C ALA A 235 -18.59 4.43 -8.61
N ALA A 236 -19.09 5.66 -8.48
CA ALA A 236 -18.83 6.68 -9.47
C ALA A 236 -17.48 7.41 -9.33
N ARG A 237 -16.84 7.30 -8.15
CA ARG A 237 -15.59 8.00 -7.87
C ARG A 237 -15.79 9.52 -7.89
N ILE A 238 -16.76 10.00 -7.12
CA ILE A 238 -17.03 11.45 -7.04
C ILE A 238 -16.42 11.95 -5.72
N PRO A 239 -15.67 13.07 -5.73
CA PRO A 239 -15.49 14.04 -6.80
C PRO A 239 -14.19 13.99 -7.60
N GLU A 240 -13.28 13.05 -7.32
CA GLU A 240 -11.98 13.00 -8.02
C GLU A 240 -12.12 12.84 -9.54
N ARG A 241 -13.26 12.32 -10.01
CA ARG A 241 -13.62 12.19 -11.41
C ARG A 241 -13.72 13.58 -12.05
N PHE A 242 -14.27 14.55 -11.31
CA PHE A 242 -14.46 15.93 -11.75
C PHE A 242 -13.17 16.72 -11.61
N PHE A 243 -12.35 16.46 -10.56
CA PHE A 243 -11.10 17.20 -10.38
C PHE A 243 -9.91 16.25 -10.27
N PRO A 244 -9.50 15.60 -11.38
CA PRO A 244 -8.38 14.67 -11.31
C PRO A 244 -7.08 15.36 -10.93
N GLY A 245 -6.41 14.81 -9.94
CA GLY A 245 -5.16 15.37 -9.44
C GLY A 245 -5.33 16.38 -8.34
N LYS A 246 -6.58 16.84 -8.10
CA LYS A 246 -6.86 17.81 -7.06
C LYS A 246 -7.35 17.18 -5.75
N CYS A 247 -7.88 15.96 -5.81
CA CYS A 247 -8.40 15.26 -4.62
C CYS A 247 -7.57 14.02 -4.29
N ASP A 248 -6.25 14.06 -4.46
CA ASP A 248 -5.41 12.90 -4.21
C ASP A 248 -5.30 12.50 -2.73
N ILE A 249 -5.00 13.46 -1.86
CA ILE A 249 -4.83 13.19 -0.44
C ILE A 249 -6.15 13.29 0.32
N TRP A 250 -6.96 14.32 0.00
CA TRP A 250 -8.19 14.55 0.74
C TRP A 250 -9.45 14.66 -0.08
N PHE A 251 -10.53 14.13 0.51
CA PHE A 251 -11.91 14.13 0.07
C PHE A 251 -12.20 13.27 -1.15
N HIS A 252 -11.38 12.25 -1.44
CA HIS A 252 -11.69 11.35 -2.55
C HIS A 252 -12.82 10.36 -2.15
N SER A 253 -13.55 9.83 -3.13
CA SER A 253 -14.67 8.92 -2.96
C SER A 253 -14.46 7.83 -1.91
N HIS A 254 -13.27 7.17 -1.87
CA HIS A 254 -13.04 6.11 -0.90
C HIS A 254 -13.03 6.64 0.52
N GLN A 255 -12.37 7.78 0.71
CA GLN A 255 -12.25 8.45 1.98
C GLN A 255 -13.64 8.91 2.48
N LEU A 256 -14.47 9.45 1.58
CA LEU A 256 -15.82 9.88 1.93
C LEU A 256 -16.70 8.68 2.28
N PHE A 257 -16.53 7.57 1.53
CA PHE A 257 -17.26 6.35 1.81
C PHE A 257 -16.85 5.81 3.20
N HIS A 258 -15.57 5.95 3.58
CA HIS A 258 -15.09 5.52 4.89
C HIS A 258 -15.76 6.32 5.98
N ILE A 259 -15.84 7.66 5.80
CA ILE A 259 -16.50 8.57 6.74
C ILE A 259 -17.95 8.18 6.90
N PHE A 260 -18.60 7.89 5.77
CA PHE A 260 -19.98 7.44 5.68
C PHE A 260 -20.26 6.09 6.38
N VAL A 261 -19.25 5.24 6.53
CA VAL A 261 -19.43 3.97 7.21
C VAL A 261 -19.54 4.22 8.70
N VAL A 262 -18.60 4.95 9.29
CA VAL A 262 -18.66 5.26 10.71
C VAL A 262 -19.87 6.15 11.02
N ALA A 263 -20.23 7.06 10.11
CA ALA A 263 -21.39 7.93 10.32
C ALA A 263 -22.66 7.08 10.26
N GLY A 264 -22.75 6.19 9.29
CA GLY A 264 -23.88 5.29 9.15
C GLY A 264 -24.04 4.37 10.35
N ALA A 265 -22.93 3.72 10.79
CA ALA A 265 -22.94 2.81 11.93
C ALA A 265 -23.34 3.51 13.21
N PHE A 266 -22.94 4.78 13.37
CA PHE A 266 -23.31 5.54 14.54
C PHE A 266 -24.81 5.89 14.55
N VAL A 267 -25.40 6.32 13.40
CA VAL A 267 -26.83 6.64 13.39
C VAL A 267 -27.68 5.35 13.43
N HIS A 268 -27.14 4.20 12.97
CA HIS A 268 -27.85 2.93 13.07
C HIS A 268 -27.91 2.55 14.55
N PHE A 269 -26.80 2.76 15.30
CA PHE A 269 -26.77 2.48 16.73
C PHE A 269 -27.80 3.35 17.45
N HIS A 270 -27.87 4.62 17.08
CA HIS A 270 -28.83 5.56 17.68
C HIS A 270 -30.28 5.10 17.47
N GLY A 271 -30.57 4.50 16.33
CA GLY A 271 -31.91 4.01 16.02
C GLY A 271 -32.31 2.87 16.91
N VAL A 272 -31.53 1.78 16.90
CA VAL A 272 -31.80 0.61 17.74
C VAL A 272 -31.63 0.92 19.25
N SER A 273 -30.86 1.97 19.59
CA SER A 273 -30.68 2.43 20.98
C SER A 273 -32.01 3.04 21.48
N ASN A 274 -32.75 3.73 20.61
CA ASN A 274 -34.07 4.26 20.96
C ASN A 274 -35.13 3.17 20.96
N LEU A 275 -34.96 2.11 20.16
CA LEU A 275 -35.85 0.96 20.12
C LEU A 275 -35.81 0.16 21.43
N GLN A 276 -34.65 0.14 22.11
CA GLN A 276 -34.56 -0.54 23.41
C GLN A 276 -35.10 0.36 24.52
N GLU A 277 -34.86 1.69 24.41
CA GLU A 277 -35.36 2.66 25.38
C GLU A 277 -36.89 2.64 25.40
N PHE A 278 -37.52 2.51 24.21
CA PHE A 278 -38.95 2.47 24.03
C PHE A 278 -39.53 1.15 24.56
N ARG A 279 -38.87 0.03 24.28
CA ARG A 279 -39.32 -1.27 24.77
C ARG A 279 -39.23 -1.34 26.30
N PHE A 280 -38.20 -0.71 26.86
CA PHE A 280 -37.97 -0.67 28.30
C PHE A 280 -39.13 0.05 29.01
N MET A 281 -39.71 1.08 28.38
CA MET A 281 -40.83 1.82 28.97
C MET A 281 -42.13 1.02 28.95
N ILE A 282 -42.44 0.36 27.83
CA ILE A 282 -43.67 -0.43 27.69
C ILE A 282 -43.60 -1.79 28.41
N GLY A 283 -42.40 -2.30 28.66
CA GLY A 283 -42.21 -3.59 29.30
C GLY A 283 -42.08 -4.73 28.29
N GLY A 284 -41.69 -5.91 28.78
CA GLY A 284 -41.51 -7.07 27.92
C GLY A 284 -42.74 -7.94 27.70
N GLY A 285 -43.90 -7.44 28.08
CA GLY A 285 -45.13 -8.18 27.93
C GLY A 285 -45.76 -8.11 26.54
N CYS A 286 -46.66 -9.06 26.27
CA CYS A 286 -47.39 -9.14 25.01
C CYS A 286 -48.88 -8.97 25.32
N SER A 287 -49.32 -7.73 25.53
CA SER A 287 -50.72 -7.45 25.83
C SER A 287 -51.54 -7.37 24.56
N GLU A 288 -51.07 -6.59 23.57
CA GLU A 288 -51.75 -6.39 22.28
C GLU A 288 -51.65 -7.61 21.38
N GLU B 1 10.19 7.43 -23.34
CA GLU B 1 11.12 6.62 -22.55
C GLU B 1 12.04 7.45 -21.63
N VAL B 2 12.27 6.98 -20.39
CA VAL B 2 13.16 7.68 -19.46
C VAL B 2 14.59 7.63 -20.00
N LEU B 3 15.34 8.73 -19.87
CA LEU B 3 16.69 8.80 -20.38
C LEU B 3 17.59 9.66 -19.52
N LEU B 4 18.66 9.07 -19.00
CA LEU B 4 19.63 9.79 -18.19
C LEU B 4 20.89 9.87 -19.04
N GLN B 5 21.23 11.07 -19.52
CA GLN B 5 22.39 11.29 -20.38
C GLN B 5 23.45 11.94 -19.55
N GLN B 6 24.63 11.33 -19.41
CA GLN B 6 25.73 11.92 -18.62
C GLN B 6 26.81 12.65 -19.46
N SER B 7 27.63 13.48 -18.81
CA SER B 7 28.70 14.22 -19.49
C SER B 7 29.85 13.29 -19.91
N GLY B 8 30.66 13.73 -20.86
CA GLY B 8 31.77 12.95 -21.39
C GLY B 8 32.91 12.70 -20.41
N PRO B 9 33.83 11.80 -20.78
CA PRO B 9 34.96 11.47 -19.90
C PRO B 9 35.83 12.67 -19.53
N GLU B 10 36.42 12.63 -18.34
CA GLU B 10 37.29 13.69 -17.86
C GLU B 10 38.67 13.16 -17.55
N LEU B 11 39.69 13.97 -17.79
CA LEU B 11 41.07 13.63 -17.49
C LEU B 11 41.61 14.82 -16.73
N VAL B 12 41.66 14.68 -15.40
CA VAL B 12 42.07 15.78 -14.54
C VAL B 12 43.36 15.52 -13.77
N LYS B 13 44.01 16.60 -13.33
CA LYS B 13 45.23 16.55 -12.53
C LYS B 13 44.85 16.31 -11.05
N PRO B 14 45.80 15.82 -10.23
CA PRO B 14 45.50 15.66 -8.80
C PRO B 14 45.27 17.03 -8.16
N GLY B 15 44.31 17.10 -7.24
CA GLY B 15 43.96 18.33 -6.53
C GLY B 15 42.87 19.17 -7.18
N ALA B 16 42.62 18.93 -8.47
CA ALA B 16 41.62 19.64 -9.28
C ALA B 16 40.13 19.34 -8.81
N SER B 17 39.09 19.86 -9.53
CA SER B 17 37.70 19.62 -9.19
C SER B 17 36.88 19.35 -10.46
N VAL B 18 36.22 18.19 -10.55
CA VAL B 18 35.37 17.87 -11.71
C VAL B 18 33.89 18.10 -11.44
N ARG B 19 33.08 18.30 -12.50
CA ARG B 19 31.64 18.43 -12.39
C ARG B 19 30.93 17.55 -13.40
N ILE B 20 30.28 16.48 -12.91
CA ILE B 20 29.55 15.57 -13.79
C ILE B 20 28.11 16.03 -14.04
N THR B 21 27.70 16.03 -15.30
CA THR B 21 26.37 16.44 -15.72
C THR B 21 25.47 15.22 -15.92
N CYS B 22 24.21 15.36 -15.55
CA CYS B 22 23.26 14.28 -15.65
C CYS B 22 21.93 14.85 -16.17
N LYS B 23 21.76 14.84 -17.50
CA LYS B 23 20.56 15.36 -18.12
C LYS B 23 19.46 14.32 -18.02
N ALA B 24 18.42 14.58 -17.22
CA ALA B 24 17.30 13.66 -17.08
C ALA B 24 16.18 14.05 -18.05
N SER B 25 15.55 13.06 -18.70
CA SER B 25 14.47 13.35 -19.65
C SER B 25 13.44 12.20 -19.74
N GLY B 26 12.25 12.52 -20.22
CA GLY B 26 11.21 11.52 -20.39
C GLY B 26 10.33 11.27 -19.17
N TYR B 27 10.38 12.16 -18.18
CA TYR B 27 9.58 12.08 -16.94
C TYR B 27 9.58 13.44 -16.19
N THR B 28 8.68 13.62 -15.19
CA THR B 28 8.68 14.85 -14.40
C THR B 28 9.82 14.78 -13.39
N PHE B 29 10.91 15.49 -13.71
CA PHE B 29 12.17 15.54 -12.96
C PHE B 29 12.06 15.52 -11.42
N THR B 30 11.17 16.32 -10.84
CA THR B 30 11.04 16.43 -9.40
C THR B 30 10.30 15.23 -8.73
N ASP B 31 9.67 14.36 -9.52
CA ASP B 31 8.89 13.26 -8.95
C ASP B 31 9.72 12.17 -8.27
N PHE B 32 10.97 11.98 -8.71
CA PHE B 32 11.81 10.93 -8.17
C PHE B 32 13.16 11.45 -7.69
N ASN B 33 13.83 10.67 -6.83
CA ASN B 33 15.14 11.05 -6.34
C ASN B 33 16.22 10.59 -7.29
N MET B 34 17.33 11.32 -7.29
CA MET B 34 18.47 10.99 -8.12
C MET B 34 19.61 10.54 -7.22
N ASP B 35 20.24 9.41 -7.51
CA ASP B 35 21.37 8.91 -6.75
C ASP B 35 22.64 8.95 -7.59
N TRP B 36 23.80 8.90 -6.94
CA TRP B 36 25.08 8.87 -7.63
C TRP B 36 25.85 7.65 -7.14
N VAL B 37 26.42 6.89 -8.08
CA VAL B 37 27.13 5.65 -7.77
C VAL B 37 28.54 5.71 -8.37
N LYS B 38 29.55 5.29 -7.61
CA LYS B 38 30.94 5.24 -8.04
C LYS B 38 31.32 3.80 -8.32
N GLN B 39 32.00 3.55 -9.44
CA GLN B 39 32.48 2.22 -9.75
C GLN B 39 33.97 2.25 -10.03
N SER B 40 34.76 1.82 -9.04
CA SER B 40 36.20 1.81 -9.16
C SER B 40 36.63 0.76 -10.19
N PRO B 41 37.81 0.94 -10.85
CA PRO B 41 38.24 -0.05 -11.86
C PRO B 41 38.25 -1.49 -11.34
N GLY B 42 37.53 -2.35 -12.05
CA GLY B 42 37.40 -3.77 -11.71
C GLY B 42 36.84 -4.01 -10.31
N LYS B 43 36.04 -3.05 -9.83
CA LYS B 43 35.49 -3.15 -8.48
C LYS B 43 33.96 -3.04 -8.44
N SER B 44 33.38 -3.28 -7.27
CA SER B 44 31.95 -3.22 -7.09
C SER B 44 31.42 -1.78 -7.09
N LEU B 45 30.10 -1.62 -7.03
CA LEU B 45 29.47 -0.31 -6.99
C LEU B 45 29.52 0.27 -5.57
N GLU B 46 29.52 1.60 -5.47
CA GLU B 46 29.64 2.29 -4.19
C GLU B 46 28.70 3.46 -4.21
N TRP B 47 27.80 3.57 -3.23
CA TRP B 47 26.83 4.67 -3.20
C TRP B 47 27.43 5.98 -2.69
N ILE B 48 27.38 7.04 -3.49
CA ILE B 48 27.88 8.35 -3.10
C ILE B 48 26.82 9.10 -2.31
N GLY B 49 25.60 9.08 -2.80
CA GLY B 49 24.51 9.74 -2.12
C GLY B 49 23.26 9.92 -2.94
N ASP B 50 22.21 10.37 -2.29
CA ASP B 50 20.94 10.63 -2.95
C ASP B 50 20.66 12.13 -2.94
N PHE B 51 19.82 12.56 -3.86
CA PHE B 51 19.46 13.95 -4.00
C PHE B 51 17.97 14.05 -4.33
N ASN B 52 17.31 15.02 -3.73
CA ASN B 52 15.91 15.24 -3.98
C ASN B 52 15.77 16.51 -4.81
N PRO B 53 15.41 16.38 -6.09
CA PRO B 53 15.24 17.59 -6.93
C PRO B 53 14.12 18.53 -6.48
N ASN B 54 13.18 18.01 -5.70
CA ASN B 54 12.06 18.79 -5.24
C ASN B 54 12.38 19.61 -3.98
N SER B 55 12.85 18.96 -2.90
CA SER B 55 13.15 19.66 -1.65
C SER B 55 14.52 20.34 -1.66
N GLY B 56 15.46 19.76 -2.40
CA GLY B 56 16.84 20.22 -2.43
C GLY B 56 17.73 19.37 -1.52
N GLY B 57 17.12 18.73 -0.52
CA GLY B 57 17.81 17.88 0.43
C GLY B 57 18.56 16.75 -0.23
N SER B 58 19.75 16.48 0.27
CA SER B 58 20.59 15.40 -0.24
C SER B 58 21.29 14.72 0.92
N ILE B 59 21.30 13.39 0.91
CA ILE B 59 21.95 12.63 1.96
C ILE B 59 23.18 11.97 1.36
N TYR B 60 24.36 12.31 1.87
CA TYR B 60 25.61 11.76 1.35
C TYR B 60 26.09 10.59 2.19
N ASN B 61 26.89 9.72 1.60
CA ASN B 61 27.54 8.63 2.32
C ASN B 61 28.69 9.32 3.06
N GLN B 62 28.91 8.99 4.35
CA GLN B 62 29.95 9.60 5.16
C GLN B 62 31.33 9.56 4.50
N LYS B 63 31.61 8.50 3.77
CA LYS B 63 32.86 8.32 3.07
C LYS B 63 33.12 9.43 2.07
N PHE B 64 32.06 9.97 1.45
CA PHE B 64 32.17 11.00 0.42
C PHE B 64 31.66 12.37 0.83
N LYS B 65 31.26 12.60 2.09
CA LYS B 65 30.70 13.89 2.51
C LYS B 65 31.60 15.10 2.13
N ASP B 66 32.92 14.98 2.39
CA ASP B 66 33.87 16.04 2.06
C ASP B 66 34.33 16.01 0.58
N LYS B 67 33.90 15.02 -0.21
CA LYS B 67 34.35 14.87 -1.59
C LYS B 67 33.32 15.27 -2.64
N ALA B 68 32.03 14.90 -2.45
CA ALA B 68 31.00 15.20 -3.43
C ALA B 68 29.98 16.26 -3.00
N THR B 69 29.42 16.97 -3.98
CA THR B 69 28.41 17.98 -3.78
C THR B 69 27.34 17.85 -4.86
N PHE B 70 26.08 17.66 -4.45
CA PHE B 70 24.99 17.53 -5.39
C PHE B 70 24.27 18.86 -5.58
N THR B 71 24.18 19.31 -6.83
CA THR B 71 23.50 20.55 -7.17
C THR B 71 22.50 20.31 -8.29
N VAL B 72 21.53 21.23 -8.48
CA VAL B 72 20.51 21.01 -9.51
C VAL B 72 20.09 22.27 -10.28
N ASP B 73 19.57 22.05 -11.48
CA ASP B 73 19.01 23.08 -12.32
C ASP B 73 17.65 22.53 -12.74
N LYS B 74 16.62 22.76 -11.89
CA LYS B 74 15.24 22.30 -12.10
C LYS B 74 14.72 22.69 -13.47
N SER B 75 15.08 23.89 -13.94
CA SER B 75 14.65 24.41 -15.24
C SER B 75 15.11 23.53 -16.40
N SER B 76 16.37 23.08 -16.39
CA SER B 76 16.89 22.22 -17.46
C SER B 76 16.75 20.72 -17.19
N SER B 77 16.33 20.35 -15.96
CA SER B 77 16.18 18.97 -15.49
C SER B 77 17.54 18.27 -15.51
N THR B 78 18.57 18.97 -15.03
CA THR B 78 19.92 18.42 -15.02
C THR B 78 20.51 18.36 -13.60
N ALA B 79 20.95 17.17 -13.20
CA ALA B 79 21.58 17.00 -11.90
C ALA B 79 23.09 17.11 -12.05
N TYR B 80 23.75 17.58 -11.00
CA TYR B 80 25.19 17.74 -11.02
C TYR B 80 25.81 17.11 -9.80
N MET B 81 27.01 16.57 -9.97
CA MET B 81 27.81 16.03 -8.88
C MET B 81 29.21 16.59 -9.08
N GLU B 82 29.64 17.39 -8.12
CA GLU B 82 30.94 18.00 -8.19
C GLU B 82 31.86 17.28 -7.23
N LEU B 83 33.00 16.80 -7.73
CA LEU B 83 34.02 16.12 -6.93
C LEU B 83 35.12 17.15 -6.66
N ARG B 84 35.49 17.37 -5.40
CA ARG B 84 36.55 18.33 -5.06
C ARG B 84 37.88 17.61 -4.76
N SER B 85 39.03 18.35 -4.87
CA SER B 85 40.40 17.88 -4.59
C SER B 85 40.62 16.41 -4.98
N LEU B 86 40.78 16.14 -6.28
CA LEU B 86 40.88 14.76 -6.74
C LEU B 86 42.19 14.07 -6.38
N THR B 87 42.13 12.75 -6.21
CA THR B 87 43.24 11.87 -5.87
C THR B 87 43.24 10.66 -6.82
N PHE B 88 44.32 9.89 -6.88
CA PHE B 88 44.39 8.71 -7.75
C PHE B 88 43.26 7.72 -7.47
N GLU B 89 42.82 7.62 -6.20
CA GLU B 89 41.73 6.76 -5.75
C GLU B 89 40.37 7.14 -6.40
N ASP B 90 40.22 8.41 -6.81
CA ASP B 90 39.01 8.91 -7.43
C ASP B 90 38.84 8.54 -8.91
N THR B 91 39.84 7.86 -9.51
CA THR B 91 39.71 7.42 -10.90
C THR B 91 38.67 6.31 -10.90
N ALA B 92 37.44 6.65 -11.33
CA ALA B 92 36.32 5.72 -11.30
C ALA B 92 35.21 6.10 -12.31
N VAL B 93 34.29 5.18 -12.61
CA VAL B 93 33.19 5.47 -13.50
C VAL B 93 32.05 5.93 -12.61
N TYR B 94 31.61 7.17 -12.78
CA TYR B 94 30.56 7.72 -11.96
C TYR B 94 29.21 7.72 -12.67
N TYR B 95 28.23 6.99 -12.12
CA TYR B 95 26.89 6.92 -12.66
C TYR B 95 25.88 7.79 -11.88
N CYS B 96 24.80 8.17 -12.54
CA CYS B 96 23.66 8.81 -11.93
C CYS B 96 22.53 7.79 -12.11
N ALA B 97 21.79 7.48 -11.06
CA ALA B 97 20.72 6.50 -11.13
C ALA B 97 19.45 7.09 -10.54
N ARG B 98 18.27 6.81 -11.13
CA ARG B 98 17.02 7.36 -10.60
C ARG B 98 16.26 6.35 -9.72
N GLU B 99 15.70 6.85 -8.62
CA GLU B 99 14.88 6.06 -7.69
C GLU B 99 13.43 5.93 -8.21
N THR B 100 12.64 5.04 -7.61
CA THR B 100 11.24 4.86 -8.00
C THR B 100 10.49 4.59 -6.72
N GLY B 101 10.38 5.63 -5.89
CA GLY B 101 9.76 5.56 -4.57
C GLY B 101 10.81 5.15 -3.56
N THR B 102 11.21 3.88 -3.61
CA THR B 102 12.29 3.36 -2.80
C THR B 102 13.54 3.35 -3.65
N ALA B 103 14.72 3.39 -3.00
CA ALA B 103 16.01 3.52 -3.68
C ALA B 103 16.55 2.26 -4.41
N TRP B 104 15.77 1.75 -5.36
CA TRP B 104 16.18 0.71 -6.28
C TRP B 104 16.25 1.43 -7.64
N PHE B 105 17.24 1.08 -8.47
CA PHE B 105 17.50 1.86 -9.67
C PHE B 105 17.14 1.20 -10.98
N ALA B 106 15.97 1.55 -11.54
CA ALA B 106 15.59 1.06 -12.86
C ALA B 106 16.28 1.83 -13.99
N TYR B 107 16.63 3.10 -13.75
CA TYR B 107 17.23 3.94 -14.77
C TYR B 107 18.66 4.36 -14.41
N TRP B 108 19.60 4.15 -15.33
CA TRP B 108 20.99 4.46 -15.10
C TRP B 108 21.59 5.27 -16.24
N GLY B 109 22.36 6.29 -15.89
CA GLY B 109 23.10 7.05 -16.89
C GLY B 109 24.19 6.18 -17.49
N GLN B 110 24.71 6.53 -18.67
CA GLN B 110 25.75 5.69 -19.31
C GLN B 110 27.11 5.68 -18.53
N GLY B 111 27.27 6.57 -17.56
CA GLY B 111 28.47 6.65 -16.75
C GLY B 111 29.50 7.64 -17.27
N THR B 112 30.19 8.33 -16.35
CA THR B 112 31.24 9.28 -16.72
C THR B 112 32.56 8.80 -16.15
N LEU B 113 33.56 8.54 -17.00
CA LEU B 113 34.86 8.10 -16.55
C LEU B 113 35.72 9.28 -16.15
N VAL B 114 36.07 9.38 -14.86
CA VAL B 114 36.96 10.45 -14.41
C VAL B 114 38.34 9.83 -14.17
N THR B 115 39.33 10.25 -14.96
CA THR B 115 40.68 9.71 -14.85
C THR B 115 41.60 10.74 -14.24
N VAL B 116 42.15 10.43 -13.07
CA VAL B 116 43.08 11.34 -12.40
C VAL B 116 44.50 10.96 -12.81
N SER B 117 45.10 11.76 -13.70
CA SER B 117 46.45 11.53 -14.22
C SER B 117 47.32 12.75 -13.94
N ALA B 118 48.63 12.52 -13.78
CA ALA B 118 49.53 13.59 -13.42
C ALA B 118 50.53 13.97 -14.52
N ALA B 119 50.43 13.42 -15.74
CA ALA B 119 51.38 13.78 -16.80
C ALA B 119 51.12 15.18 -17.42
N ASP C 1 26.91 0.97 8.92
CA ASP C 1 26.96 0.36 7.59
C ASP C 1 26.37 -1.06 7.60
N ILE C 2 25.83 -1.50 6.48
CA ILE C 2 25.32 -2.87 6.37
C ILE C 2 26.16 -3.59 5.34
N GLN C 3 27.02 -4.51 5.78
CA GLN C 3 27.88 -5.23 4.85
C GLN C 3 27.13 -6.27 4.02
N MET C 4 27.10 -6.09 2.69
CA MET C 4 26.47 -7.05 1.80
C MET C 4 27.55 -7.96 1.24
N THR C 5 27.42 -9.26 1.49
CA THR C 5 28.41 -10.26 1.08
C THR C 5 27.84 -11.09 -0.05
N GLN C 6 28.59 -11.25 -1.16
CA GLN C 6 28.09 -12.00 -2.30
C GLN C 6 28.88 -13.27 -2.58
N SER C 7 28.18 -14.38 -2.78
CA SER C 7 28.83 -15.65 -3.06
C SER C 7 28.07 -16.41 -4.17
N PRO C 8 28.75 -17.08 -5.12
CA PRO C 8 30.21 -17.17 -5.26
C PRO C 8 30.87 -15.94 -5.88
N ALA C 9 32.17 -15.78 -5.66
CA ALA C 9 32.94 -14.67 -6.24
C ALA C 9 32.89 -14.73 -7.79
N SER C 10 32.83 -15.93 -8.35
CA SER C 10 32.69 -16.15 -9.78
C SER C 10 32.28 -17.59 -10.07
N LEU C 11 31.70 -17.82 -11.24
CA LEU C 11 31.34 -19.17 -11.68
C LEU C 11 31.16 -19.25 -13.19
N SER C 12 31.46 -20.41 -13.74
CA SER C 12 31.32 -20.64 -15.16
C SER C 12 30.41 -21.82 -15.32
N ALA C 13 29.31 -21.65 -16.05
CA ALA C 13 28.36 -22.73 -16.25
C ALA C 13 27.94 -22.84 -17.70
N SER C 14 27.64 -24.06 -18.14
CA SER C 14 27.21 -24.29 -19.52
C SER C 14 25.80 -23.73 -19.79
N VAL C 15 25.47 -23.54 -21.07
CA VAL C 15 24.15 -23.05 -21.49
C VAL C 15 23.07 -24.08 -21.06
N GLY C 16 21.91 -23.58 -20.64
CA GLY C 16 20.78 -24.41 -20.22
C GLY C 16 20.79 -24.82 -18.75
N GLU C 17 21.87 -24.52 -18.04
CA GLU C 17 21.99 -24.88 -16.63
C GLU C 17 21.34 -23.88 -15.67
N THR C 18 21.08 -24.33 -14.44
CA THR C 18 20.48 -23.50 -13.41
C THR C 18 21.54 -23.12 -12.40
N VAL C 19 21.69 -21.82 -12.10
CA VAL C 19 22.71 -21.39 -11.15
C VAL C 19 22.12 -20.51 -10.07
N THR C 20 22.73 -20.55 -8.88
CA THR C 20 22.23 -19.76 -7.75
C THR C 20 23.29 -18.86 -7.17
N ILE C 21 23.04 -17.56 -7.16
CA ILE C 21 23.93 -16.59 -6.53
C ILE C 21 23.24 -16.22 -5.23
N THR C 22 23.94 -16.30 -4.11
CA THR C 22 23.36 -15.90 -2.84
C THR C 22 23.96 -14.57 -2.36
N CYS C 23 23.30 -13.93 -1.40
CA CYS C 23 23.75 -12.66 -0.88
C CYS C 23 23.32 -12.53 0.58
N ARG C 24 24.25 -12.13 1.44
CA ARG C 24 23.96 -11.97 2.86
C ARG C 24 24.08 -10.54 3.30
N ALA C 25 23.28 -10.15 4.27
CA ALA C 25 23.35 -8.81 4.85
C ALA C 25 23.80 -8.93 6.30
N SER C 26 24.60 -7.95 6.79
CA SER C 26 25.06 -7.98 8.20
C SER C 26 23.95 -7.66 9.23
N GLY C 27 22.76 -7.40 8.75
CA GLY C 27 21.58 -7.10 9.54
C GLY C 27 20.33 -7.15 8.67
N ASN C 28 19.16 -7.22 9.29
CA ASN C 28 17.90 -7.29 8.55
C ASN C 28 17.71 -6.15 7.60
N ILE C 29 17.40 -6.46 6.33
CA ILE C 29 17.14 -5.41 5.35
C ILE C 29 15.67 -5.37 4.90
N HIS C 30 14.78 -6.08 5.60
CA HIS C 30 13.34 -6.11 5.39
C HIS C 30 12.90 -6.17 3.92
N ASN C 31 13.49 -7.12 3.16
CA ASN C 31 13.19 -7.40 1.75
C ASN C 31 13.46 -6.21 0.80
N PHE C 32 14.13 -5.16 1.28
CA PHE C 32 14.45 -3.99 0.45
C PHE C 32 15.75 -4.31 -0.25
N LEU C 33 15.73 -5.35 -1.09
CA LEU C 33 16.89 -5.77 -1.85
C LEU C 33 16.63 -5.70 -3.34
N ALA C 34 17.67 -5.39 -4.11
CA ALA C 34 17.63 -5.34 -5.55
C ALA C 34 18.80 -6.13 -6.16
N TRP C 35 18.61 -6.74 -7.34
CA TRP C 35 19.63 -7.48 -8.08
C TRP C 35 19.85 -6.76 -9.40
N TYR C 36 21.12 -6.57 -9.80
CA TYR C 36 21.48 -5.89 -11.05
C TYR C 36 22.44 -6.75 -11.84
N GLN C 37 22.30 -6.71 -13.16
CA GLN C 37 23.24 -7.38 -14.05
C GLN C 37 24.10 -6.30 -14.72
N GLN C 38 25.37 -6.59 -15.00
CA GLN C 38 26.23 -5.62 -15.65
C GLN C 38 27.12 -6.25 -16.70
N LYS C 39 26.96 -5.81 -17.94
CA LYS C 39 27.79 -6.29 -19.04
C LYS C 39 29.05 -5.44 -19.10
N GLN C 40 30.18 -6.02 -19.48
CA GLN C 40 31.46 -5.31 -19.58
C GLN C 40 31.34 -4.00 -20.36
N GLY C 41 31.79 -2.92 -19.73
CA GLY C 41 31.75 -1.59 -20.34
C GLY C 41 30.36 -1.00 -20.49
N LYS C 42 29.36 -1.58 -19.83
CA LYS C 42 27.99 -1.09 -19.88
C LYS C 42 27.43 -0.78 -18.49
N SER C 43 26.40 0.05 -18.46
CA SER C 43 25.73 0.47 -17.25
C SER C 43 24.99 -0.70 -16.63
N PRO C 44 24.84 -0.76 -15.29
CA PRO C 44 24.05 -1.86 -14.70
C PRO C 44 22.58 -1.79 -15.11
N GLN C 45 21.87 -2.92 -15.01
CA GLN C 45 20.48 -3.05 -15.41
C GLN C 45 19.76 -3.82 -14.31
N VAL C 46 18.67 -3.26 -13.78
CA VAL C 46 17.92 -3.94 -12.71
C VAL C 46 17.22 -5.21 -13.21
N LEU C 47 17.27 -6.26 -12.39
CA LEU C 47 16.64 -7.53 -12.71
C LEU C 47 15.51 -7.83 -11.74
N VAL C 48 15.82 -7.73 -10.45
CA VAL C 48 14.88 -8.03 -9.37
C VAL C 48 14.89 -6.89 -8.35
N TYR C 49 13.74 -6.39 -7.95
CA TYR C 49 13.64 -5.38 -6.91
C TYR C 49 12.67 -5.85 -5.85
N ASN C 50 12.78 -5.29 -4.62
CA ASN C 50 11.94 -5.67 -3.47
C ASN C 50 12.02 -7.17 -3.19
N ALA C 51 13.28 -7.70 -3.25
CA ALA C 51 13.71 -9.08 -3.03
C ALA C 51 13.19 -10.13 -4.05
N LYS C 52 11.90 -10.09 -4.44
CA LYS C 52 11.32 -11.10 -5.32
C LYS C 52 10.64 -10.54 -6.58
N THR C 53 10.36 -9.23 -6.66
CA THR C 53 9.65 -8.67 -7.82
C THR C 53 10.57 -8.54 -9.04
N LEU C 54 10.14 -9.11 -10.17
CA LEU C 54 10.90 -9.08 -11.40
C LEU C 54 10.66 -7.78 -12.13
N ALA C 55 11.72 -7.14 -12.62
CA ALA C 55 11.58 -5.88 -13.34
C ALA C 55 10.97 -6.07 -14.73
N ASP C 56 10.36 -5.01 -15.29
CA ASP C 56 9.76 -5.09 -16.63
C ASP C 56 10.81 -5.40 -17.68
N GLY C 57 10.49 -6.35 -18.56
CA GLY C 57 11.41 -6.75 -19.62
C GLY C 57 12.25 -7.97 -19.28
N VAL C 58 12.55 -8.16 -17.99
CA VAL C 58 13.35 -9.27 -17.49
C VAL C 58 12.62 -10.60 -17.66
N PRO C 59 13.27 -11.62 -18.28
CA PRO C 59 12.59 -12.91 -18.48
C PRO C 59 12.27 -13.68 -17.20
N SER C 60 11.34 -14.64 -17.27
CA SER C 60 10.94 -15.45 -16.11
C SER C 60 12.04 -16.39 -15.60
N ARG C 61 13.16 -16.55 -16.34
CA ARG C 61 14.29 -17.39 -15.95
C ARG C 61 14.88 -16.92 -14.61
N PHE C 62 14.89 -15.60 -14.39
CA PHE C 62 15.41 -15.02 -13.16
C PHE C 62 14.35 -15.14 -12.05
N SER C 63 14.78 -15.53 -10.84
CA SER C 63 13.85 -15.74 -9.72
C SER C 63 14.46 -15.22 -8.43
N GLY C 64 13.85 -14.21 -7.84
CA GLY C 64 14.31 -13.67 -6.58
C GLY C 64 13.67 -14.34 -5.39
N SER C 65 14.48 -14.68 -4.38
CA SER C 65 13.97 -15.31 -3.16
C SER C 65 14.78 -14.89 -1.93
N GLY C 66 14.24 -15.09 -0.74
CA GLY C 66 14.92 -14.72 0.49
C GLY C 66 14.05 -13.96 1.48
N SER C 67 14.65 -13.56 2.60
CA SER C 67 14.01 -12.82 3.68
C SER C 67 15.03 -12.53 4.77
N GLY C 68 14.87 -11.40 5.45
CA GLY C 68 15.74 -11.03 6.55
C GLY C 68 17.14 -10.65 6.15
N THR C 69 18.07 -11.61 6.20
CA THR C 69 19.45 -11.34 5.86
C THR C 69 19.98 -12.17 4.69
N GLN C 70 19.41 -13.36 4.45
CA GLN C 70 19.88 -14.23 3.37
C GLN C 70 18.95 -14.21 2.16
N TYR C 71 19.50 -13.83 0.99
CA TYR C 71 18.77 -13.68 -0.29
C TYR C 71 19.41 -14.50 -1.42
N SER C 72 18.65 -14.78 -2.47
CA SER C 72 19.12 -15.59 -3.59
C SER C 72 18.58 -15.11 -4.93
N LEU C 73 19.35 -15.36 -5.98
CA LEU C 73 18.99 -15.06 -7.34
C LEU C 73 19.29 -16.31 -8.10
N LYS C 74 18.24 -16.99 -8.55
CA LYS C 74 18.36 -18.23 -9.30
C LYS C 74 18.10 -17.96 -10.78
N ILE C 75 18.99 -18.45 -11.63
CA ILE C 75 18.83 -18.30 -13.07
C ILE C 75 18.58 -19.67 -13.65
N ASN C 76 17.35 -19.93 -14.07
CA ASN C 76 16.98 -21.22 -14.68
C ASN C 76 17.30 -21.17 -16.16
N SER C 77 17.73 -22.30 -16.75
CA SER C 77 18.09 -22.38 -18.18
C SER C 77 18.98 -21.20 -18.63
N LEU C 78 20.28 -21.27 -18.37
CA LEU C 78 21.21 -20.20 -18.74
C LEU C 78 21.21 -19.95 -20.23
N GLN C 79 21.32 -18.69 -20.62
CA GLN C 79 21.36 -18.29 -22.02
C GLN C 79 22.69 -17.58 -22.29
N PRO C 80 23.16 -17.57 -23.56
CA PRO C 80 24.45 -16.93 -23.84
C PRO C 80 24.53 -15.46 -23.42
N GLU C 81 23.39 -14.77 -23.39
CA GLU C 81 23.36 -13.36 -22.99
C GLU C 81 23.41 -13.15 -21.49
N ASP C 82 23.31 -14.22 -20.68
CA ASP C 82 23.32 -14.07 -19.23
C ASP C 82 24.71 -13.84 -18.65
N PHE C 83 25.79 -13.92 -19.46
CA PHE C 83 27.15 -13.66 -18.98
C PHE C 83 27.24 -12.21 -18.44
N GLY C 84 28.09 -12.00 -17.45
CA GLY C 84 28.27 -10.68 -16.88
C GLY C 84 28.47 -10.67 -15.39
N SER C 85 28.48 -9.48 -14.80
CA SER C 85 28.67 -9.33 -13.36
C SER C 85 27.37 -9.07 -12.66
N TYR C 86 27.02 -9.90 -11.69
CA TYR C 86 25.79 -9.73 -10.93
C TYR C 86 26.07 -9.04 -9.63
N TYR C 87 25.19 -8.13 -9.25
CA TYR C 87 25.35 -7.39 -8.00
C TYR C 87 24.04 -7.35 -7.26
N CYS C 88 24.09 -7.48 -5.95
CA CYS C 88 22.93 -7.32 -5.10
C CYS C 88 23.12 -5.99 -4.36
N GLN C 89 22.03 -5.37 -3.94
CA GLN C 89 22.09 -4.10 -3.23
C GLN C 89 20.99 -4.04 -2.19
N GLN C 90 21.30 -3.49 -1.02
CA GLN C 90 20.27 -3.23 -0.02
C GLN C 90 19.93 -1.77 -0.11
N PHE C 91 18.65 -1.46 0.04
CA PHE C 91 18.20 -0.08 0.11
C PHE C 91 17.35 0.16 1.37
N TRP C 92 17.58 -0.64 2.44
CA TRP C 92 16.83 -0.50 3.67
C TRP C 92 17.35 0.67 4.47
N SER C 93 18.68 0.75 4.67
CA SER C 93 19.25 1.88 5.41
C SER C 93 20.41 2.55 4.69
N THR C 94 20.65 3.81 5.02
CA THR C 94 21.76 4.55 4.45
C THR C 94 23.04 4.25 5.27
N PRO C 95 24.19 4.09 4.61
CA PRO C 95 24.41 4.19 3.17
C PRO C 95 24.00 2.92 2.45
N TYR C 96 23.35 3.04 1.28
CA TYR C 96 22.95 1.86 0.51
C TYR C 96 24.20 1.13 0.07
N THR C 97 24.25 -0.18 0.34
CA THR C 97 25.45 -0.95 0.06
C THR C 97 25.22 -2.01 -0.99
N PHE C 98 26.27 -2.32 -1.73
CA PHE C 98 26.23 -3.34 -2.76
C PHE C 98 27.09 -4.54 -2.35
N GLY C 99 26.83 -5.69 -2.97
CA GLY C 99 27.69 -6.85 -2.82
C GLY C 99 28.93 -6.71 -3.69
N GLY C 100 29.97 -7.48 -3.39
CA GLY C 100 31.21 -7.45 -4.15
C GLY C 100 31.07 -7.80 -5.61
N GLY C 101 30.10 -8.65 -5.91
CA GLY C 101 29.80 -9.08 -7.26
C GLY C 101 30.05 -10.56 -7.50
N THR C 102 29.34 -11.13 -8.48
CA THR C 102 29.53 -12.51 -8.92
C THR C 102 29.80 -12.44 -10.41
N LYS C 103 30.91 -13.02 -10.86
CA LYS C 103 31.22 -13.00 -12.28
C LYS C 103 30.71 -14.29 -12.93
N LEU C 104 29.59 -14.20 -13.66
CA LEU C 104 29.03 -15.38 -14.34
C LEU C 104 29.60 -15.47 -15.76
N GLU C 105 30.12 -16.65 -16.13
CA GLU C 105 30.78 -16.84 -17.40
C GLU C 105 30.29 -18.06 -18.16
N ILE C 106 29.38 -17.85 -19.11
CA ILE C 106 28.81 -18.93 -19.94
C ILE C 106 29.86 -19.54 -20.90
N ASN C 107 29.84 -20.88 -21.08
CA ASN C 107 30.77 -21.59 -21.98
C ASN C 107 30.09 -22.74 -22.75
#